data_3V7C
#
_entry.id   3V7C
#
_cell.length_a   93.060
_cell.length_b   93.060
_cell.length_c   130.140
_cell.angle_alpha   90.00
_cell.angle_beta   90.00
_cell.angle_gamma   90.00
#
_symmetry.space_group_name_H-M   'P 42 21 2'
#
loop_
_entity.id
_entity.type
_entity.pdbx_description
1 polymer 'Biotin ligase'
2 non-polymer "5'-deoxy-2',3'-O-(1-methylethylidene)-5'-(4-{5-[(3aS,4S,6aR)-2-oxohexahydro-1H-thieno[3,4-d]imidazol-4-yl]pentyl}-1H-1,2,3-triazol-1-yl)adenosine"
3 water water
#
_entity_poly.entity_id   1
_entity_poly.type   'polypeptide(L)'
_entity_poly.pdbx_seq_one_letter_code
;MSKYSQDVLQLLYKNKPNYISGQSIAESLNISRTAVKKVIDQLKLEGCKIDSVNHKGHLLQQLPDIWYQGIIDQYTKSSA
LFDFSEVYDSIDSTQLAAKKSLVGNQSSFFILSDEQTKGRGRFNRHWSSSKGQGLWMSVVLRPNVAFSMISKFNLFIALG
IRDAIQHFSQDEVKVKWPNDIYIDNGKVCGFLTEMVANNDGIEAIICGIGINLTQQLENFDESIRHRATSIQLHDKNKLD
RYQFLERLLQEIEKRYNQFLTLPFSEIREEYIAASNIWNRTLLFTENDKQFKGQAIDLDYDGYLIVRDEAGESHRLISAD
IDFHHHHHH
;
_entity_poly.pdbx_strand_id   A
#
# COMPACT_ATOMS: atom_id res chain seq x y z
N SER A 2 0.34 -11.71 24.72
CA SER A 2 0.60 -10.97 25.98
C SER A 2 1.36 -9.64 25.76
N LYS A 3 1.70 -9.01 26.89
CA LYS A 3 2.52 -7.79 26.98
C LYS A 3 3.83 -7.85 26.14
N TYR A 4 4.25 -9.09 25.80
CA TYR A 4 5.58 -9.43 25.30
C TYR A 4 5.56 -10.20 23.98
N SER A 5 4.40 -10.69 23.56
CA SER A 5 4.23 -11.17 22.20
C SER A 5 5.05 -10.48 21.14
N GLN A 6 4.91 -9.15 21.05
CA GLN A 6 5.62 -8.38 20.04
C GLN A 6 7.10 -8.44 20.23
N ASP A 7 7.55 -8.36 21.48
CA ASP A 7 8.96 -8.32 21.80
C ASP A 7 9.57 -9.62 21.39
N VAL A 8 8.91 -10.73 21.71
CA VAL A 8 9.40 -12.05 21.29
C VAL A 8 9.48 -12.15 19.77
N LEU A 9 8.38 -11.79 19.09
CA LEU A 9 8.36 -11.81 17.62
C LEU A 9 9.48 -11.01 17.04
N GLN A 10 9.68 -9.82 17.57
CA GLN A 10 10.75 -8.97 17.11
C GLN A 10 12.08 -9.70 17.25
N LEU A 11 12.27 -10.42 18.34
CA LEU A 11 13.54 -11.08 18.59
C LEU A 11 13.73 -12.20 17.60
N LEU A 12 12.66 -12.96 17.38
CA LEU A 12 12.64 -14.01 16.40
C LEU A 12 13.06 -13.49 15.02
N TYR A 13 12.39 -12.44 14.55
CA TYR A 13 12.73 -11.81 13.28
C TYR A 13 14.18 -11.33 13.22
N LYS A 14 14.61 -10.53 14.21
CA LYS A 14 15.98 -10.05 14.28
C LYS A 14 17.05 -11.15 14.10
N ASN A 15 16.74 -12.37 14.55
CA ASN A 15 17.74 -13.45 14.67
C ASN A 15 17.82 -14.43 13.50
N LYS A 16 16.85 -14.36 12.60
CA LYS A 16 16.81 -15.10 11.36
C LYS A 16 18.11 -14.87 10.57
N PRO A 17 18.66 -15.92 9.93
CA PRO A 17 18.21 -17.33 9.77
C PRO A 17 18.68 -18.32 10.87
N ASN A 18 19.24 -17.82 11.97
CA ASN A 18 19.59 -18.66 13.12
C ASN A 18 18.44 -18.85 14.09
N TYR A 19 18.56 -19.89 14.90
CA TYR A 19 17.68 -20.15 16.04
C TYR A 19 18.12 -19.37 17.32
N ILE A 20 17.18 -18.92 18.15
CA ILE A 20 17.55 -18.51 19.50
C ILE A 20 16.73 -19.25 20.51
N SER A 21 17.36 -19.49 21.66
CA SER A 21 16.78 -20.27 22.73
C SER A 21 15.73 -19.50 23.49
N GLY A 22 14.78 -20.25 24.04
CA GLY A 22 13.91 -19.72 25.07
C GLY A 22 14.72 -18.95 26.08
N GLN A 23 15.79 -19.58 26.57
CA GLN A 23 16.62 -18.97 27.60
C GLN A 23 16.99 -17.58 27.19
N SER A 24 17.49 -17.49 25.98
CA SER A 24 18.06 -16.27 25.46
C SER A 24 17.06 -15.17 25.32
N ILE A 25 15.84 -15.51 24.95
CA ILE A 25 14.77 -14.53 24.79
C ILE A 25 14.43 -14.11 26.21
N ALA A 26 14.17 -15.10 27.07
CA ALA A 26 13.90 -14.89 28.48
C ALA A 26 14.86 -13.89 29.09
N GLU A 27 16.15 -13.98 28.79
CA GLU A 27 17.09 -12.99 29.34
C GLU A 27 16.95 -11.64 28.67
N SER A 28 16.60 -11.61 27.38
CA SER A 28 16.50 -10.37 26.65
C SER A 28 15.45 -9.49 27.27
N LEU A 29 14.32 -10.11 27.54
CA LEU A 29 13.12 -9.42 28.00
C LEU A 29 13.05 -9.44 29.51
N ASN A 30 13.98 -10.17 30.13
CA ASN A 30 14.01 -10.41 31.57
C ASN A 30 12.63 -10.85 31.97
N ILE A 31 12.17 -11.94 31.37
CA ILE A 31 10.97 -12.63 31.83
C ILE A 31 11.31 -14.10 31.93
N SER A 32 10.40 -14.89 32.48
CA SER A 32 10.68 -16.30 32.72
C SER A 32 10.73 -17.13 31.45
N ARG A 33 11.53 -18.19 31.50
CA ARG A 33 11.54 -19.16 30.44
C ARG A 33 10.15 -19.70 30.15
N THR A 34 9.37 -19.95 31.20
CA THR A 34 8.13 -20.66 30.92
C THR A 34 7.09 -19.67 30.36
N ALA A 35 7.35 -18.38 30.55
CA ALA A 35 6.51 -17.36 29.94
C ALA A 35 6.80 -17.31 28.45
N VAL A 36 8.07 -17.38 28.09
CA VAL A 36 8.46 -17.45 26.70
C VAL A 36 7.78 -18.64 26.04
N LYS A 37 7.86 -19.82 26.64
CA LYS A 37 7.26 -21.04 26.02
C LYS A 37 5.77 -20.72 25.74
N LYS A 38 5.06 -20.12 26.69
CA LYS A 38 3.64 -19.79 26.49
C LYS A 38 3.40 -18.73 25.41
N VAL A 39 4.23 -17.68 25.36
CA VAL A 39 4.11 -16.69 24.30
C VAL A 39 4.38 -17.30 22.93
N ILE A 40 5.30 -18.26 22.89
CA ILE A 40 5.57 -18.91 21.63
C ILE A 40 4.37 -19.80 21.23
N ASP A 41 3.80 -20.52 22.20
CA ASP A 41 2.67 -21.35 21.90
C ASP A 41 1.55 -20.47 21.34
N GLN A 42 1.40 -19.28 21.90
CA GLN A 42 0.43 -18.32 21.44
C GLN A 42 0.67 -17.89 19.95
N LEU A 43 1.89 -17.49 19.63
CA LEU A 43 2.22 -17.11 18.27
C LEU A 43 1.97 -18.25 17.28
N LYS A 44 2.36 -19.47 17.68
CA LYS A 44 2.10 -20.65 16.85
C LYS A 44 0.62 -20.74 16.60
N LEU A 45 -0.16 -20.67 17.67
CA LEU A 45 -1.61 -20.67 17.54
C LEU A 45 -2.12 -19.59 16.57
N GLU A 46 -1.60 -18.38 16.69
CA GLU A 46 -2.04 -17.31 15.81
C GLU A 46 -1.71 -17.61 14.33
N GLY A 47 -0.86 -18.59 14.08
CA GLY A 47 -0.52 -18.93 12.72
C GLY A 47 0.90 -18.60 12.33
N CYS A 48 1.73 -18.23 13.30
CA CYS A 48 3.19 -18.19 13.04
C CYS A 48 3.73 -19.60 12.89
N LYS A 49 4.53 -19.79 11.86
CA LYS A 49 5.25 -21.02 11.63
C LYS A 49 6.66 -20.84 12.23
N ILE A 50 6.85 -21.35 13.44
CA ILE A 50 8.14 -21.23 14.14
C ILE A 50 8.60 -22.62 14.42
N ASP A 51 9.81 -22.96 13.98
CA ASP A 51 10.36 -24.30 14.23
C ASP A 51 11.10 -24.25 15.57
N SER A 52 10.81 -25.21 16.43
CA SER A 52 11.42 -25.23 17.73
C SER A 52 12.22 -26.51 17.86
N VAL A 53 13.51 -26.40 18.13
CA VAL A 53 14.34 -27.58 18.32
C VAL A 53 14.99 -27.51 19.68
N ASN A 54 14.93 -28.62 20.40
CA ASN A 54 15.65 -28.81 21.67
C ASN A 54 17.09 -28.42 21.57
N HIS A 55 17.55 -27.73 22.61
CA HIS A 55 18.90 -27.21 22.74
C HIS A 55 19.16 -26.05 21.84
N LYS A 56 18.59 -26.08 20.64
CA LYS A 56 18.86 -25.07 19.63
C LYS A 56 18.00 -23.80 19.87
N GLY A 57 16.70 -23.97 20.05
CA GLY A 57 15.83 -22.84 20.21
C GLY A 57 14.82 -22.77 19.08
N HIS A 58 14.47 -21.54 18.66
CA HIS A 58 13.30 -21.25 17.81
C HIS A 58 13.72 -20.46 16.58
N LEU A 59 13.09 -20.79 15.46
CA LEU A 59 13.37 -20.07 14.21
C LEU A 59 12.05 -19.68 13.63
N LEU A 60 11.86 -18.37 13.45
CA LEU A 60 10.67 -17.86 12.79
C LEU A 60 10.82 -18.21 11.31
N GLN A 61 9.89 -19.02 10.82
CA GLN A 61 9.90 -19.47 9.43
C GLN A 61 8.93 -18.74 8.50
N GLN A 62 7.75 -18.36 9.01
CA GLN A 62 6.72 -17.77 8.17
C GLN A 62 5.65 -17.10 9.02
N LEU A 63 5.36 -15.83 8.73
CA LEU A 63 4.38 -15.05 9.52
C LEU A 63 3.00 -15.21 8.90
N PRO A 64 1.93 -15.07 9.72
CA PRO A 64 0.61 -15.22 9.10
C PRO A 64 0.17 -13.92 8.39
N ASP A 65 -1.05 -13.91 7.90
CA ASP A 65 -1.62 -12.74 7.24
C ASP A 65 -2.18 -11.79 8.25
N ILE A 66 -1.33 -11.39 9.19
CA ILE A 66 -1.68 -10.47 10.22
C ILE A 66 -0.49 -9.53 10.31
N TRP A 67 -0.72 -8.22 10.44
CA TRP A 67 0.38 -7.28 10.69
C TRP A 67 0.67 -7.20 12.17
N TYR A 68 1.96 -7.36 12.49
CA TYR A 68 2.46 -7.24 13.84
C TYR A 68 3.37 -6.03 13.96
N GLN A 69 3.04 -5.18 14.93
CA GLN A 69 3.78 -3.97 15.13
C GLN A 69 5.23 -4.28 15.36
N GLY A 70 5.44 -5.37 16.06
CA GLY A 70 6.80 -5.76 16.42
C GLY A 70 7.67 -5.90 15.19
N ILE A 71 7.14 -6.57 14.17
CA ILE A 71 7.88 -6.75 12.93
C ILE A 71 7.94 -5.45 12.13
N ILE A 72 6.83 -4.70 12.10
CA ILE A 72 6.87 -3.47 11.32
C ILE A 72 7.84 -2.47 11.95
N ASP A 73 7.93 -2.45 13.28
CA ASP A 73 8.96 -1.66 13.97
C ASP A 73 10.34 -1.87 13.37
N GLN A 74 10.56 -3.06 12.80
CA GLN A 74 11.87 -3.36 12.22
C GLN A 74 12.04 -2.70 10.88
N TYR A 75 10.93 -2.56 10.16
CA TYR A 75 10.94 -1.89 8.86
C TYR A 75 11.15 -0.39 9.01
N THR A 76 10.60 0.23 10.04
CA THR A 76 10.86 1.65 10.24
C THR A 76 12.28 1.94 10.80
N LYS A 77 12.78 1.04 11.66
CA LYS A 77 14.12 1.17 12.27
C LYS A 77 15.15 1.23 11.16
N SER A 78 15.01 0.34 10.19
CA SER A 78 16.01 0.28 9.14
C SER A 78 15.72 1.18 7.92
N SER A 79 14.66 2.01 7.99
CA SER A 79 14.23 2.93 6.89
C SER A 79 14.64 4.38 7.07
N ALA A 80 15.04 5.01 5.97
CA ALA A 80 15.47 6.42 5.92
C ALA A 80 14.29 7.38 5.84
N LEU A 81 13.33 7.05 4.98
CA LEU A 81 12.13 7.83 4.81
C LEU A 81 11.22 7.93 6.06
N PHE A 82 10.91 6.80 6.69
CA PHE A 82 9.84 6.71 7.65
C PHE A 82 10.27 6.69 9.13
N ASP A 83 9.79 7.66 9.89
CA ASP A 83 10.05 7.76 11.31
C ASP A 83 9.41 6.66 12.14
N PHE A 84 8.16 6.32 11.89
CA PHE A 84 7.52 5.22 12.58
C PHE A 84 6.38 4.71 11.76
N SER A 85 5.68 3.72 12.30
CA SER A 85 4.44 3.28 11.74
C SER A 85 3.53 3.03 12.92
N GLU A 86 2.24 2.90 12.64
CA GLU A 86 1.24 2.49 13.58
C GLU A 86 0.59 1.25 12.93
N VAL A 87 0.32 0.19 13.67
CA VAL A 87 -0.28 -1.02 13.08
C VAL A 87 -1.53 -1.40 13.87
N TYR A 88 -2.63 -1.74 13.19
CA TYR A 88 -3.91 -2.02 13.87
C TYR A 88 -4.50 -3.26 13.33
N ASP A 89 -5.33 -3.92 14.13
CA ASP A 89 -5.99 -5.08 13.59
C ASP A 89 -7.20 -4.60 12.83
N SER A 90 -7.86 -3.57 13.38
CA SER A 90 -9.03 -3.05 12.75
C SER A 90 -9.28 -1.65 13.16
N ILE A 91 -9.61 -0.77 12.22
CA ILE A 91 -9.74 0.65 12.48
C ILE A 91 -10.79 1.21 11.52
N ASP A 92 -11.24 2.45 11.73
CA ASP A 92 -12.28 2.96 10.83
C ASP A 92 -11.67 3.10 9.42
N SER A 93 -10.50 3.76 9.35
CA SER A 93 -9.76 3.96 8.13
C SER A 93 -8.33 4.38 8.42
N THR A 94 -7.36 3.80 7.76
CA THR A 94 -5.97 4.25 7.95
C THR A 94 -5.79 5.73 7.56
N GLN A 95 -6.63 6.20 6.64
CA GLN A 95 -6.58 7.58 6.14
C GLN A 95 -7.04 8.56 7.20
N LEU A 96 -8.16 8.28 7.86
CA LEU A 96 -8.54 9.11 9.00
C LEU A 96 -7.45 9.10 10.08
N ALA A 97 -6.87 7.94 10.31
CA ALA A 97 -5.91 7.85 11.35
C ALA A 97 -4.69 8.73 11.03
N ALA A 98 -4.18 8.59 9.81
CA ALA A 98 -3.08 9.42 9.34
C ALA A 98 -3.39 10.90 9.37
N LYS A 99 -4.57 11.29 8.95
CA LYS A 99 -4.84 12.72 9.00
C LYS A 99 -4.79 13.23 10.42
N LYS A 100 -5.12 12.39 11.39
CA LYS A 100 -5.13 12.77 12.79
C LYS A 100 -3.69 12.71 13.32
N SER A 101 -3.01 11.61 13.11
CA SER A 101 -1.65 11.50 13.61
C SER A 101 -0.66 12.51 13.07
N LEU A 102 -0.91 13.12 11.91
CA LEU A 102 0.09 14.01 11.28
C LEU A 102 0.02 15.37 11.92
N VAL A 103 -1.10 15.70 12.54
CA VAL A 103 -1.27 17.04 13.10
C VAL A 103 -0.25 17.31 14.21
N GLY A 104 0.46 18.41 14.07
CA GLY A 104 1.24 18.96 15.14
C GLY A 104 2.67 18.50 15.08
N ASN A 105 2.99 17.62 14.15
CA ASN A 105 4.38 17.17 13.95
C ASN A 105 4.81 17.22 12.49
N GLN A 106 6.08 16.90 12.22
CA GLN A 106 6.61 16.72 10.89
C GLN A 106 7.12 15.30 10.65
N SER A 107 6.59 14.32 11.38
CA SER A 107 7.00 12.94 11.18
C SER A 107 6.56 12.48 9.83
N SER A 108 7.30 11.51 9.27
CA SER A 108 6.83 10.73 8.15
C SER A 108 6.58 9.37 8.71
N PHE A 109 5.48 8.75 8.30
CA PHE A 109 5.05 7.53 8.94
C PHE A 109 4.03 6.86 8.06
N PHE A 110 3.79 5.57 8.29
CA PHE A 110 2.65 4.95 7.65
C PHE A 110 1.73 4.22 8.61
N ILE A 111 0.49 3.98 8.22
CA ILE A 111 -0.41 3.27 9.08
C ILE A 111 -0.93 2.05 8.37
N LEU A 112 -0.77 0.88 8.98
CA LEU A 112 -1.34 -0.34 8.43
C LEU A 112 -2.42 -0.87 9.32
N SER A 113 -3.48 -1.40 8.73
CA SER A 113 -4.51 -2.09 9.53
C SER A 113 -5.05 -3.28 8.79
N ASP A 114 -5.29 -4.38 9.50
CA ASP A 114 -5.67 -5.62 8.81
C ASP A 114 -7.06 -5.47 8.22
N GLU A 115 -7.90 -4.70 8.89
CA GLU A 115 -9.20 -4.43 8.34
C GLU A 115 -9.56 -2.95 8.52
N GLN A 116 -10.43 -2.42 7.66
CA GLN A 116 -11.01 -1.09 7.89
C GLN A 116 -12.50 -1.24 7.94
N THR A 117 -13.11 -0.63 8.93
CA THR A 117 -14.57 -0.69 9.00
C THR A 117 -15.21 0.41 8.18
N LYS A 118 -14.50 1.49 7.91
CA LYS A 118 -15.05 2.63 7.15
C LYS A 118 -14.08 3.13 6.06
N GLY A 119 -13.55 2.18 5.31
CA GLY A 119 -12.62 2.49 4.27
C GLY A 119 -13.32 3.27 3.18
N ARG A 120 -12.75 4.43 2.87
CA ARG A 120 -13.19 5.32 1.78
C ARG A 120 -12.15 5.54 0.72
N GLY A 121 -12.63 5.66 -0.51
CA GLY A 121 -11.80 6.09 -1.65
C GLY A 121 -12.19 7.52 -2.01
N ARG A 122 -12.13 7.82 -3.32
CA ARG A 122 -12.38 9.17 -3.84
C ARG A 122 -13.84 9.45 -3.79
N PHE A 123 -14.19 10.72 -3.62
CA PHE A 123 -15.58 11.11 -3.52
C PHE A 123 -16.32 10.32 -2.42
N ASN A 124 -15.58 9.87 -1.40
CA ASN A 124 -16.16 9.27 -0.22
C ASN A 124 -16.86 7.95 -0.58
N ARG A 125 -16.41 7.35 -1.67
CA ARG A 125 -16.93 6.09 -2.16
C ARG A 125 -16.40 4.97 -1.29
N HIS A 126 -17.16 3.91 -1.17
CA HIS A 126 -16.86 2.80 -0.27
C HIS A 126 -15.63 1.99 -0.75
N TRP A 127 -14.68 1.72 0.12
CA TRP A 127 -13.57 0.85 -0.27
C TRP A 127 -13.60 -0.32 0.68
N SER A 128 -13.66 -1.49 0.09
CA SER A 128 -13.79 -2.77 0.77
C SER A 128 -12.48 -3.22 1.36
N SER A 129 -12.38 -3.32 2.68
CA SER A 129 -11.10 -3.64 3.31
C SER A 129 -11.12 -4.93 4.16
N SER A 130 -11.23 -6.10 3.55
CA SER A 130 -11.41 -7.36 4.30
C SER A 130 -10.30 -7.77 5.24
N LYS A 131 -10.67 -8.23 6.44
CA LYS A 131 -9.66 -8.65 7.41
C LYS A 131 -8.80 -9.69 6.76
N GLY A 132 -7.51 -9.46 6.75
CA GLY A 132 -6.60 -10.50 6.37
C GLY A 132 -6.27 -10.57 4.89
N GLN A 133 -6.88 -9.73 4.06
CA GLN A 133 -6.80 -9.99 2.62
C GLN A 133 -6.09 -8.99 1.72
N GLY A 134 -5.77 -7.84 2.29
CA GLY A 134 -5.05 -6.86 1.51
C GLY A 134 -4.28 -5.90 2.37
N LEU A 135 -3.47 -5.10 1.71
CA LEU A 135 -2.65 -4.15 2.38
C LEU A 135 -3.45 -2.88 2.39
N TRP A 136 -3.95 -2.49 3.53
CA TRP A 136 -4.67 -1.22 3.64
C TRP A 136 -3.76 -0.29 4.41
N MET A 137 -3.23 0.71 3.72
CA MET A 137 -2.17 1.50 4.28
C MET A 137 -2.36 2.97 3.99
N SER A 138 -1.88 3.82 4.88
CA SER A 138 -1.76 5.21 4.51
C SER A 138 -0.37 5.66 4.82
N VAL A 139 0.21 6.41 3.90
CA VAL A 139 1.57 6.87 3.99
C VAL A 139 1.54 8.36 4.21
N VAL A 140 2.18 8.89 5.25
CA VAL A 140 2.35 10.34 5.35
C VAL A 140 3.80 10.78 5.07
N LEU A 141 4.00 11.61 4.05
CA LEU A 141 5.33 12.11 3.75
C LEU A 141 5.34 13.62 3.80
N ARG A 142 6.53 14.21 3.71
CA ARG A 142 6.69 15.61 4.05
C ARG A 142 7.51 16.31 3.00
N PRO A 143 6.99 16.36 1.77
CA PRO A 143 7.75 16.98 0.71
C PRO A 143 7.60 18.45 0.84
N ASN A 144 8.74 19.12 0.72
CA ASN A 144 8.84 20.57 0.85
C ASN A 144 8.61 21.20 -0.52
N VAL A 145 7.35 21.37 -0.93
CA VAL A 145 7.04 21.68 -2.33
C VAL A 145 5.71 22.44 -2.38
N ALA A 146 5.36 23.06 -3.52
CA ALA A 146 4.12 23.87 -3.59
C ALA A 146 2.90 22.95 -3.64
N PHE A 147 1.71 23.45 -3.31
CA PHE A 147 0.57 22.51 -3.23
C PHE A 147 0.15 21.95 -4.59
N SER A 148 0.36 22.69 -5.66
CA SER A 148 0.05 22.18 -6.99
C SER A 148 0.87 20.96 -7.37
N MET A 149 1.84 20.58 -6.57
CA MET A 149 2.63 19.41 -6.88
C MET A 149 1.97 18.12 -6.47
N ILE A 150 0.80 18.21 -5.87
CA ILE A 150 0.09 17.02 -5.46
C ILE A 150 -0.10 16.08 -6.67
N SER A 151 -0.55 16.65 -7.80
CA SER A 151 -0.83 15.82 -8.98
C SER A 151 0.37 15.07 -9.39
N LYS A 152 1.48 15.77 -9.50
CA LYS A 152 2.73 15.13 -9.85
C LYS A 152 3.05 13.98 -8.85
N PHE A 153 2.88 14.22 -7.55
CA PHE A 153 3.08 13.15 -6.55
C PHE A 153 2.35 11.89 -6.96
N ASN A 154 1.07 12.10 -7.24
CA ASN A 154 0.17 11.05 -7.53
C ASN A 154 0.59 10.24 -8.77
N LEU A 155 1.24 10.85 -9.74
CA LEU A 155 1.72 10.07 -10.89
C LEU A 155 2.95 9.23 -10.60
N PHE A 156 3.91 9.78 -9.87
CA PHE A 156 5.12 9.02 -9.51
C PHE A 156 4.80 7.83 -8.69
N ILE A 157 3.92 8.03 -7.71
CA ILE A 157 3.63 7.00 -6.74
C ILE A 157 2.95 5.83 -7.47
N ALA A 158 2.12 6.17 -8.48
CA ALA A 158 1.44 5.16 -9.28
C ALA A 158 2.45 4.14 -9.72
N LEU A 159 3.55 4.64 -10.26
CA LEU A 159 4.49 3.72 -10.83
C LEU A 159 5.16 2.92 -9.74
N GLY A 160 5.34 3.52 -8.56
CA GLY A 160 5.92 2.79 -7.41
C GLY A 160 5.06 1.63 -7.09
N ILE A 161 3.78 1.86 -6.88
CA ILE A 161 2.85 0.79 -6.58
C ILE A 161 2.78 -0.28 -7.65
N ARG A 162 2.88 0.14 -8.91
CA ARG A 162 2.72 -0.81 -10.02
C ARG A 162 3.91 -1.72 -10.07
N ASP A 163 5.10 -1.16 -9.87
CA ASP A 163 6.33 -1.97 -9.88
C ASP A 163 6.35 -3.03 -8.76
N ALA A 164 5.80 -2.68 -7.61
CA ALA A 164 5.74 -3.53 -6.45
C ALA A 164 4.79 -4.64 -6.69
N ILE A 165 3.55 -4.34 -7.06
CA ILE A 165 2.62 -5.40 -7.51
C ILE A 165 3.22 -6.26 -8.66
N GLN A 166 3.84 -5.63 -9.67
CA GLN A 166 4.41 -6.38 -10.81
C GLN A 166 5.33 -7.50 -10.41
N HIS A 167 6.31 -7.18 -9.54
CA HIS A 167 7.30 -8.13 -9.09
C HIS A 167 6.65 -9.43 -8.62
N PHE A 168 5.36 -9.38 -8.34
CA PHE A 168 4.66 -10.53 -7.76
C PHE A 168 3.61 -11.13 -8.65
N SER A 169 3.23 -10.45 -9.72
CA SER A 169 2.25 -11.09 -10.60
C SER A 169 2.91 -11.54 -11.88
N GLN A 170 2.52 -12.73 -12.30
CA GLN A 170 2.95 -13.32 -13.55
C GLN A 170 2.31 -12.61 -14.73
N ASP A 171 1.14 -12.01 -14.48
CA ASP A 171 0.40 -11.27 -15.48
C ASP A 171 0.75 -9.77 -15.53
N GLU A 172 0.21 -9.09 -16.54
CA GLU A 172 0.66 -7.74 -16.83
C GLU A 172 -0.12 -6.74 -15.99
N VAL A 173 0.61 -5.86 -15.29
CA VAL A 173 0.03 -4.93 -14.34
C VAL A 173 0.04 -3.54 -14.94
N LYS A 174 -1.07 -2.81 -14.81
CA LYS A 174 -1.25 -1.53 -15.53
C LYS A 174 -1.84 -0.45 -14.65
N VAL A 175 -1.42 0.78 -14.88
CA VAL A 175 -1.97 1.91 -14.16
C VAL A 175 -3.22 2.45 -14.84
N LYS A 176 -4.33 2.60 -14.11
CA LYS A 176 -5.43 3.35 -14.65
C LYS A 176 -5.42 4.76 -14.06
N TRP A 177 -4.85 5.69 -14.81
CA TRP A 177 -4.85 7.07 -14.42
C TRP A 177 -6.18 7.59 -13.88
N PRO A 178 -6.14 8.35 -12.79
CA PRO A 178 -4.89 8.64 -12.10
C PRO A 178 -4.73 7.89 -10.77
N ASN A 179 -5.45 6.78 -10.55
CA ASN A 179 -5.67 6.28 -9.20
C ASN A 179 -5.91 4.81 -9.06
N ASP A 180 -5.68 4.03 -10.09
CA ASP A 180 -5.98 2.63 -9.98
C ASP A 180 -4.96 1.76 -10.67
N ILE A 181 -4.86 0.52 -10.23
CA ILE A 181 -3.87 -0.40 -10.74
C ILE A 181 -4.64 -1.64 -11.12
N TYR A 182 -4.39 -2.12 -12.32
CA TYR A 182 -5.21 -3.19 -12.81
C TYR A 182 -4.36 -4.38 -13.20
N ILE A 183 -4.95 -5.56 -13.09
CA ILE A 183 -4.34 -6.74 -13.67
C ILE A 183 -5.41 -7.30 -14.60
N ASP A 184 -5.15 -7.14 -15.92
CA ASP A 184 -6.17 -7.34 -16.98
C ASP A 184 -7.40 -6.54 -16.58
N ASN A 185 -8.50 -7.22 -16.33
CA ASN A 185 -9.76 -6.53 -15.98
C ASN A 185 -9.97 -6.24 -14.52
N GLY A 186 -9.05 -6.69 -13.69
CA GLY A 186 -9.23 -6.58 -12.25
C GLY A 186 -8.53 -5.38 -11.67
N LYS A 187 -9.30 -4.57 -10.95
CA LYS A 187 -8.71 -3.56 -10.09
C LYS A 187 -8.06 -4.27 -8.89
N VAL A 188 -6.74 -4.15 -8.80
CA VAL A 188 -5.97 -4.79 -7.78
C VAL A 188 -5.54 -3.75 -6.73
N CYS A 189 -5.61 -2.48 -7.08
CA CYS A 189 -5.27 -1.45 -6.11
C CYS A 189 -5.95 -0.15 -6.38
N GLY A 190 -6.44 0.48 -5.32
CA GLY A 190 -6.89 1.86 -5.40
C GLY A 190 -6.00 2.75 -4.53
N PHE A 191 -5.67 3.91 -5.02
CA PHE A 191 -4.96 4.85 -4.18
C PHE A 191 -5.46 6.24 -4.46
N LEU A 192 -5.15 7.09 -3.52
CA LEU A 192 -5.81 8.35 -3.34
C LEU A 192 -4.74 9.18 -2.65
N THR A 193 -4.37 10.32 -3.22
CA THR A 193 -3.32 11.14 -2.63
C THR A 193 -3.93 12.43 -2.17
N GLU A 194 -3.86 12.70 -0.88
CA GLU A 194 -4.42 13.93 -0.37
C GLU A 194 -3.34 14.74 0.30
N MET A 195 -3.63 16.00 0.57
CA MET A 195 -2.63 16.84 1.14
C MET A 195 -3.17 17.77 2.21
N VAL A 196 -2.30 18.18 3.10
CA VAL A 196 -2.62 19.32 3.93
C VAL A 196 -1.66 20.37 3.44
N ALA A 197 -2.18 21.55 3.14
CA ALA A 197 -1.35 22.56 2.52
C ALA A 197 -1.85 23.95 2.72
N ASN A 198 -1.00 24.93 2.44
CA ASN A 198 -1.46 26.31 2.30
C ASN A 198 -0.73 27.00 1.13
N ASN A 199 -0.91 28.30 0.98
CA ASN A 199 -0.29 29.04 -0.12
C ASN A 199 1.21 28.83 -0.18
N ASP A 200 1.83 28.65 0.99
CA ASP A 200 3.27 28.53 1.09
C ASP A 200 3.72 27.09 0.86
N GLY A 201 2.84 26.11 0.82
CA GLY A 201 3.33 24.80 0.51
C GLY A 201 2.63 23.67 1.22
N ILE A 202 3.14 22.49 0.99
CA ILE A 202 2.53 21.32 1.50
C ILE A 202 3.05 21.04 2.94
N GLU A 203 2.09 20.89 3.87
CA GLU A 203 2.33 20.45 5.23
C GLU A 203 2.45 18.95 5.27
N ALA A 204 1.69 18.22 4.48
CA ALA A 204 1.87 16.74 4.43
C ALA A 204 1.15 16.13 3.24
N ILE A 205 1.72 15.06 2.72
CA ILE A 205 1.06 14.27 1.75
C ILE A 205 0.56 13.09 2.52
N ILE A 206 -0.71 12.76 2.38
CA ILE A 206 -1.22 11.52 2.89
C ILE A 206 -1.64 10.71 1.70
N CYS A 207 -0.98 9.61 1.47
CA CYS A 207 -1.38 8.78 0.39
C CYS A 207 -1.98 7.52 0.95
N GLY A 208 -3.29 7.35 0.79
CA GLY A 208 -3.90 6.05 1.12
C GLY A 208 -3.87 5.10 -0.08
N ILE A 209 -3.48 3.85 0.20
CA ILE A 209 -3.20 2.85 -0.79
C ILE A 209 -3.81 1.55 -0.30
N GLY A 210 -4.77 1.01 -1.06
CA GLY A 210 -5.35 -0.29 -0.81
C GLY A 210 -5.03 -1.24 -1.95
N ILE A 211 -4.48 -2.39 -1.57
CA ILE A 211 -4.04 -3.37 -2.56
C ILE A 211 -4.60 -4.70 -2.12
N ASN A 212 -5.32 -5.37 -3.00
CA ASN A 212 -5.83 -6.69 -2.70
C ASN A 212 -4.72 -7.71 -2.78
N LEU A 213 -4.51 -8.46 -1.72
CA LEU A 213 -3.43 -9.43 -1.75
C LEU A 213 -3.95 -10.85 -1.96
N THR A 214 -4.92 -11.30 -1.17
CA THR A 214 -5.18 -12.74 -1.12
C THR A 214 -6.63 -13.14 -1.30
N GLN A 215 -7.49 -12.26 -1.81
CA GLN A 215 -8.90 -12.63 -2.00
C GLN A 215 -8.97 -13.67 -3.09
N GLN A 216 -9.92 -14.60 -2.96
CA GLN A 216 -10.37 -15.42 -4.08
C GLN A 216 -11.59 -14.67 -4.56
N LEU A 217 -11.97 -14.80 -5.84
CA LEU A 217 -13.10 -14.00 -6.35
C LEU A 217 -14.26 -14.19 -5.41
N GLU A 218 -14.41 -15.43 -4.94
CA GLU A 218 -15.40 -15.76 -3.95
C GLU A 218 -15.52 -14.69 -2.82
N ASN A 219 -14.41 -14.03 -2.49
CA ASN A 219 -14.32 -13.13 -1.31
C ASN A 219 -14.75 -11.69 -1.52
N PHE A 220 -14.88 -11.31 -2.79
CA PHE A 220 -15.27 -9.97 -3.17
C PHE A 220 -16.79 -9.83 -3.23
N ASP A 221 -17.34 -8.90 -2.45
CA ASP A 221 -18.71 -8.44 -2.66
C ASP A 221 -19.09 -8.43 -4.16
N GLU A 222 -20.26 -9.00 -4.40
CA GLU A 222 -20.71 -9.51 -5.70
C GLU A 222 -20.82 -8.44 -6.78
N SER A 223 -21.01 -7.20 -6.35
CA SER A 223 -21.11 -6.07 -7.25
C SER A 223 -19.75 -5.77 -7.90
N ILE A 224 -18.65 -6.04 -7.18
CA ILE A 224 -17.31 -5.68 -7.68
C ILE A 224 -16.52 -6.88 -8.26
N ARG A 225 -17.04 -8.08 -8.02
CA ARG A 225 -16.36 -9.33 -8.37
C ARG A 225 -15.84 -9.37 -9.81
N HIS A 226 -16.65 -8.91 -10.75
CA HIS A 226 -16.27 -8.94 -12.15
C HIS A 226 -15.20 -7.92 -12.50
N ARG A 227 -15.05 -6.87 -11.70
CA ARG A 227 -13.88 -6.01 -11.93
C ARG A 227 -12.84 -5.86 -10.83
N ALA A 228 -12.71 -6.86 -9.96
CA ALA A 228 -11.68 -6.79 -8.95
C ALA A 228 -10.68 -7.94 -9.08
N THR A 229 -9.56 -7.85 -8.38
CA THR A 229 -8.62 -8.94 -8.38
C THR A 229 -7.63 -8.78 -7.27
N SER A 230 -7.00 -9.87 -6.88
CA SER A 230 -6.02 -9.83 -5.83
C SER A 230 -4.70 -10.17 -6.44
N ILE A 231 -3.61 -9.80 -5.79
CA ILE A 231 -2.32 -10.16 -6.30
C ILE A 231 -2.19 -11.69 -6.34
N GLN A 232 -2.76 -12.39 -5.34
CA GLN A 232 -2.65 -13.87 -5.28
C GLN A 232 -3.11 -14.55 -6.57
N LEU A 233 -4.14 -14.02 -7.20
CA LEU A 233 -4.81 -14.73 -8.28
C LEU A 233 -3.97 -14.67 -9.53
N HIS A 234 -2.81 -14.05 -9.43
CA HIS A 234 -1.87 -13.98 -10.52
C HIS A 234 -0.46 -14.27 -10.02
N ASP A 235 -0.36 -15.08 -8.96
CA ASP A 235 0.95 -15.54 -8.47
C ASP A 235 0.91 -17.03 -8.16
N LYS A 236 1.85 -17.78 -8.77
CA LYS A 236 1.95 -19.27 -8.58
C LYS A 236 2.33 -19.67 -7.13
N ASN A 237 3.19 -18.85 -6.49
CA ASN A 237 3.61 -18.97 -5.10
C ASN A 237 2.64 -18.29 -4.11
N LYS A 238 2.61 -18.78 -2.86
CA LYS A 238 1.97 -18.06 -1.75
C LYS A 238 2.49 -16.63 -1.76
N LEU A 239 1.55 -15.70 -1.61
CA LEU A 239 1.95 -14.32 -1.49
C LEU A 239 2.15 -13.93 -0.02
N ASP A 240 3.37 -13.51 0.30
CA ASP A 240 3.72 -13.18 1.67
C ASP A 240 3.57 -11.69 1.93
N ARG A 241 2.59 -11.31 2.77
CA ARG A 241 2.33 -9.90 2.90
C ARG A 241 3.53 -9.06 3.31
N TYR A 242 4.41 -9.62 4.15
CA TYR A 242 5.59 -8.91 4.65
C TYR A 242 6.60 -8.75 3.56
N GLN A 243 6.75 -9.80 2.76
CA GLN A 243 7.69 -9.76 1.67
C GLN A 243 7.28 -8.68 0.67
N PHE A 244 5.97 -8.61 0.41
CA PHE A 244 5.39 -7.57 -0.43
C PHE A 244 5.50 -6.22 0.24
N LEU A 245 5.14 -6.12 1.51
CA LEU A 245 5.28 -4.81 2.11
C LEU A 245 6.69 -4.23 1.92
N GLU A 246 7.70 -5.12 1.95
CA GLU A 246 9.10 -4.72 1.84
C GLU A 246 9.42 -4.11 0.47
N ARG A 247 9.02 -4.81 -0.59
CA ARG A 247 9.08 -4.23 -1.93
C ARG A 247 8.31 -2.91 -2.10
N LEU A 248 7.06 -2.87 -1.61
CA LEU A 248 6.26 -1.65 -1.69
C LEU A 248 6.93 -0.44 -1.07
N LEU A 249 7.50 -0.58 0.12
CA LEU A 249 8.17 0.53 0.79
C LEU A 249 9.39 0.97 0.02
N GLN A 250 10.11 0.00 -0.50
CA GLN A 250 11.28 0.26 -1.32
C GLN A 250 10.90 1.10 -2.57
N GLU A 251 9.86 0.69 -3.31
CA GLU A 251 9.41 1.45 -4.51
C GLU A 251 8.78 2.80 -4.15
N ILE A 252 8.00 2.85 -3.05
CA ILE A 252 7.46 4.13 -2.62
C ILE A 252 8.62 5.07 -2.43
N GLU A 253 9.71 4.59 -1.85
CA GLU A 253 10.82 5.48 -1.55
C GLU A 253 11.54 5.89 -2.83
N LYS A 254 11.75 4.92 -3.68
CA LYS A 254 12.34 5.19 -4.94
C LYS A 254 11.56 6.28 -5.68
N ARG A 255 10.25 6.11 -5.84
CA ARG A 255 9.48 7.08 -6.61
C ARG A 255 9.35 8.38 -5.88
N TYR A 256 9.52 8.35 -4.58
CA TYR A 256 9.44 9.58 -3.84
C TYR A 256 10.66 10.41 -4.11
N ASN A 257 11.82 9.76 -4.05
CA ASN A 257 13.02 10.47 -4.48
C ASN A 257 12.96 10.99 -5.89
N GLN A 258 12.51 10.18 -6.86
CA GLN A 258 12.31 10.74 -8.23
C GLN A 258 11.33 11.87 -8.20
N PHE A 259 10.23 11.75 -7.47
CA PHE A 259 9.28 12.86 -7.36
C PHE A 259 10.02 14.12 -6.97
N LEU A 260 10.86 14.00 -5.95
CA LEU A 260 11.57 15.17 -5.42
C LEU A 260 12.58 15.77 -6.40
N THR A 261 13.17 14.93 -7.26
CA THR A 261 14.30 15.36 -8.07
C THR A 261 14.10 15.40 -9.58
N LEU A 262 13.04 14.81 -10.12
CA LEU A 262 12.79 14.79 -11.56
C LEU A 262 11.51 15.55 -11.93
N PRO A 263 11.47 16.17 -13.12
CA PRO A 263 10.14 16.60 -13.59
C PRO A 263 9.40 15.42 -14.24
N PHE A 264 8.10 15.61 -14.51
CA PHE A 264 7.25 14.50 -14.93
C PHE A 264 7.69 13.91 -16.29
N SER A 265 8.08 14.80 -17.20
CA SER A 265 8.64 14.39 -18.50
C SER A 265 9.56 13.17 -18.46
N GLU A 266 10.36 13.05 -17.39
CA GLU A 266 11.30 11.92 -17.25
C GLU A 266 10.64 10.59 -17.08
N ILE A 267 9.47 10.54 -16.44
CA ILE A 267 8.84 9.24 -16.24
C ILE A 267 7.65 9.05 -17.14
N ARG A 268 7.28 10.14 -17.82
CA ARG A 268 6.11 10.17 -18.69
C ARG A 268 6.02 8.97 -19.63
N GLU A 269 7.08 8.71 -20.37
CA GLU A 269 7.10 7.60 -21.32
C GLU A 269 6.80 6.28 -20.62
N GLU A 270 7.54 6.05 -19.54
CA GLU A 270 7.34 4.90 -18.72
C GLU A 270 5.88 4.83 -18.28
N TYR A 271 5.30 5.98 -17.92
CA TYR A 271 3.96 6.01 -17.28
C TYR A 271 2.94 5.61 -18.32
N ILE A 272 3.16 6.23 -19.47
CA ILE A 272 2.56 5.83 -20.69
C ILE A 272 2.52 4.33 -21.03
N ALA A 273 3.69 3.72 -21.03
CA ALA A 273 3.83 2.38 -21.49
C ALA A 273 3.24 1.44 -20.44
N ALA A 274 3.02 1.99 -19.24
CA ALA A 274 2.37 1.26 -18.12
C ALA A 274 0.88 1.55 -18.03
N SER A 275 0.42 2.59 -18.70
CA SER A 275 -0.98 2.88 -18.60
C SER A 275 -1.86 1.94 -19.45
N ASN A 276 -3.09 1.75 -19.02
CA ASN A 276 -4.04 0.88 -19.71
C ASN A 276 -5.32 1.63 -20.19
N ILE A 277 -5.22 2.94 -20.35
CA ILE A 277 -6.37 3.78 -20.76
C ILE A 277 -6.43 4.14 -22.25
N TRP A 278 -5.50 3.61 -23.05
CA TRP A 278 -5.39 3.94 -24.48
C TRP A 278 -6.31 3.09 -25.36
N ASN A 279 -6.61 3.55 -26.58
CA ASN A 279 -7.36 2.78 -27.60
C ASN A 279 -8.60 2.07 -27.08
N ARG A 280 -9.46 2.84 -26.45
CA ARG A 280 -10.67 2.27 -25.93
C ARG A 280 -11.49 3.39 -25.46
N THR A 281 -12.79 3.17 -25.46
CA THR A 281 -13.71 4.19 -25.01
C THR A 281 -13.72 4.30 -23.49
N LEU A 282 -13.59 5.52 -22.99
CA LEU A 282 -13.57 5.75 -21.58
C LEU A 282 -14.82 6.51 -21.23
N LEU A 283 -15.43 6.18 -20.09
CA LEU A 283 -16.53 6.95 -19.52
C LEU A 283 -16.07 7.93 -18.43
N PHE A 284 -16.48 9.19 -18.55
CA PHE A 284 -16.03 10.20 -17.61
C PHE A 284 -17.17 10.71 -16.77
N THR A 285 -16.99 10.90 -15.46
CA THR A 285 -17.98 11.59 -14.63
C THR A 285 -17.45 12.94 -14.20
N GLU A 286 -18.29 13.96 -14.22
CA GLU A 286 -17.88 15.25 -13.71
C GLU A 286 -19.12 15.78 -13.08
N ASN A 287 -19.25 15.69 -11.76
CA ASN A 287 -20.48 16.19 -11.15
C ASN A 287 -21.67 15.44 -11.75
N ASP A 288 -22.70 16.18 -12.21
CA ASP A 288 -23.87 15.62 -12.93
C ASP A 288 -23.52 14.88 -14.24
N LYS A 289 -22.86 15.61 -15.16
CA LYS A 289 -22.51 15.16 -16.52
C LYS A 289 -21.75 13.84 -16.55
N GLN A 290 -21.97 13.11 -17.63
CA GLN A 290 -21.11 12.03 -18.04
C GLN A 290 -20.99 11.97 -19.56
N PHE A 291 -19.83 11.56 -20.05
CA PHE A 291 -19.61 11.58 -21.46
C PHE A 291 -18.55 10.61 -21.79
N LYS A 292 -18.53 10.13 -23.03
CA LYS A 292 -17.44 9.26 -23.43
C LYS A 292 -16.31 10.03 -24.12
N GLY A 293 -15.18 9.35 -24.33
CA GLY A 293 -13.98 10.01 -24.77
C GLY A 293 -12.84 9.05 -24.95
N GLN A 294 -11.77 9.54 -25.57
CA GLN A 294 -10.59 8.76 -25.72
C GLN A 294 -9.48 9.54 -25.09
N ALA A 295 -8.50 8.78 -24.61
CA ALA A 295 -7.32 9.34 -24.05
C ALA A 295 -6.42 9.43 -25.22
N ILE A 296 -6.00 10.64 -25.50
CA ILE A 296 -5.11 10.91 -26.62
C ILE A 296 -3.65 10.83 -26.16
N ASP A 297 -3.37 11.46 -25.01
CA ASP A 297 -2.01 11.71 -24.54
C ASP A 297 -2.00 12.23 -23.09
N LEU A 298 -0.89 11.97 -22.39
CA LEU A 298 -0.55 12.61 -21.12
C LEU A 298 0.53 13.61 -21.41
N ASP A 299 0.21 14.89 -21.21
CA ASP A 299 1.20 15.90 -21.49
C ASP A 299 2.30 15.85 -20.46
N TYR A 300 3.39 16.52 -20.79
CA TYR A 300 4.60 16.59 -20.01
C TYR A 300 4.32 17.05 -18.54
N ASP A 301 3.10 17.51 -18.28
CA ASP A 301 2.71 17.98 -16.93
C ASP A 301 1.70 17.11 -16.22
N GLY A 302 1.51 15.88 -16.66
CA GLY A 302 0.61 14.95 -16.00
C GLY A 302 -0.86 15.03 -16.32
N TYR A 303 -1.30 16.09 -17.01
CA TYR A 303 -2.66 16.23 -17.53
C TYR A 303 -3.01 15.24 -18.66
N LEU A 304 -4.22 14.65 -18.57
CA LEU A 304 -4.72 13.76 -19.62
C LEU A 304 -5.33 14.58 -20.71
N ILE A 305 -4.96 14.28 -21.94
CA ILE A 305 -5.57 14.90 -23.10
C ILE A 305 -6.62 14.00 -23.63
N VAL A 306 -7.86 14.47 -23.57
CA VAL A 306 -8.99 13.63 -23.91
C VAL A 306 -9.70 14.27 -25.07
N ARG A 307 -9.98 13.48 -26.10
CA ARG A 307 -10.89 13.90 -27.16
C ARG A 307 -12.21 13.19 -26.91
N ASP A 308 -13.21 13.97 -26.50
CA ASP A 308 -14.50 13.42 -26.14
C ASP A 308 -15.29 12.94 -27.35
N GLU A 309 -16.48 12.38 -27.11
CA GLU A 309 -17.24 11.70 -28.18
C GLU A 309 -17.77 12.70 -29.23
N ALA A 310 -17.95 13.94 -28.79
CA ALA A 310 -18.40 15.05 -29.63
C ALA A 310 -17.27 15.72 -30.43
N GLY A 311 -16.05 15.20 -30.35
CA GLY A 311 -14.92 15.75 -31.05
C GLY A 311 -14.12 16.82 -30.35
N GLU A 312 -14.61 17.33 -29.21
CA GLU A 312 -13.89 18.37 -28.43
C GLU A 312 -12.71 17.86 -27.59
N SER A 313 -11.63 18.64 -27.56
CA SER A 313 -10.46 18.30 -26.73
C SER A 313 -10.57 18.86 -25.32
N HIS A 314 -10.15 18.06 -24.35
CA HIS A 314 -9.99 18.49 -22.96
C HIS A 314 -8.64 18.08 -22.46
N ARG A 315 -8.15 18.93 -21.56
CA ARG A 315 -6.91 18.72 -20.88
C ARG A 315 -7.31 18.65 -19.43
N LEU A 316 -7.12 17.50 -18.78
CA LEU A 316 -7.63 17.31 -17.41
C LEU A 316 -6.50 16.98 -16.45
N ILE A 317 -6.59 17.48 -15.22
CA ILE A 317 -5.59 17.12 -14.21
C ILE A 317 -6.03 15.87 -13.48
N SER A 318 -7.34 15.61 -13.50
CA SER A 318 -7.94 14.46 -12.86
C SER A 318 -9.24 14.08 -13.59
N ALA A 319 -9.76 12.89 -13.28
CA ALA A 319 -11.07 12.42 -13.77
C ALA A 319 -11.47 11.12 -13.09
N ASP A 320 -12.76 10.76 -13.05
CA ASP A 320 -13.04 9.35 -12.80
C ASP A 320 -13.56 8.66 -14.01
N ILE A 321 -12.79 7.67 -14.40
CA ILE A 321 -12.98 6.96 -15.58
C ILE A 321 -13.49 5.55 -15.24
N ASP A 322 -14.63 5.14 -15.82
CA ASP A 322 -14.92 3.70 -15.94
C ASP A 322 -14.52 3.20 -17.31
N PHE A 323 -14.37 1.90 -17.47
CA PHE A 323 -14.13 1.36 -18.80
C PHE A 323 -15.41 0.99 -19.55
#